data_1ZXX
#
_entry.id   1ZXX
#
_cell.length_a   135.014
_cell.length_b   135.014
_cell.length_c   77.660
_cell.angle_alpha   90.00
_cell.angle_beta   90.00
_cell.angle_gamma   120.00
#
_symmetry.space_group_name_H-M   'P 62 2 2'
#
loop_
_entity.id
_entity.type
_entity.pdbx_description
1 polymer 6-phosphofructokinase
2 non-polymer 'SULFATE ION'
3 water water
#
_entity_poly.entity_id   1
_entity_poly.type   'polypeptide(L)'
_entity_poly.pdbx_seq_one_letter_code
;MKRIGILTSGGDAPGMNAAVRAVTRVAIANGLEVFGIRYGFAGLVAGDIFPLESEDVAHLINVSGTFLYSARYPEFAEEE
GQLAGIEQLKKHGIDAVVVIGGDGSYHGALQLTRHGFNSIGLPGTIDNDIPYTDATIGYDTACMTAMDAIDKIRDTASSH
HRVFIVNVMGRNCGDIAMRVGVACGADAIVIPERPYDVEEIANRLKQAQESGKDHGLVVVAEGVMTADQFMAELKKYGDF
DVRANVLGHMQRGGTPTVSDRVLASKLGSEAVHLLLEGKGGLAVGIENGKVTSHDILDLFDESHRGDYDLLKLNADLSR
;
_entity_poly.pdbx_strand_id   A
#
loop_
_chem_comp.id
_chem_comp.type
_chem_comp.name
_chem_comp.formula
SO4 non-polymer 'SULFATE ION' 'O4 S -2'
#
# COMPACT_ATOMS: atom_id res chain seq x y z
N MET A 1 -8.39 0.56 -30.01
CA MET A 1 -8.04 1.39 -28.82
C MET A 1 -6.99 2.43 -29.22
N LYS A 2 -7.27 3.69 -28.90
CA LYS A 2 -6.40 4.81 -29.30
C LYS A 2 -6.00 5.71 -28.14
N ARG A 3 -6.91 5.88 -27.17
CA ARG A 3 -6.68 6.79 -26.04
C ARG A 3 -6.91 6.09 -24.71
N ILE A 4 -5.97 6.27 -23.76
CA ILE A 4 -6.14 5.71 -22.41
C ILE A 4 -6.09 6.77 -21.30
N GLY A 5 -6.83 6.51 -20.22
CA GLY A 5 -6.87 7.40 -19.06
C GLY A 5 -6.11 6.81 -17.88
N ILE A 6 -5.60 7.68 -17.02
CA ILE A 6 -4.94 7.20 -15.80
C ILE A 6 -5.49 7.97 -14.61
N LEU A 7 -5.80 7.25 -13.54
CA LEU A 7 -6.21 7.88 -12.29
C LEU A 7 -5.60 7.17 -11.09
N THR A 8 -5.41 7.93 -10.00
CA THR A 8 -4.97 7.37 -8.72
C THR A 8 -6.09 7.55 -7.73
N SER A 9 -6.39 6.49 -6.98
CA SER A 9 -7.56 6.45 -6.10
C SER A 9 -7.23 5.87 -4.75
N GLY A 10 -7.93 6.31 -3.71
CA GLY A 10 -7.64 5.80 -2.38
C GLY A 10 -6.43 6.50 -1.77
N GLY A 11 -5.93 5.98 -0.66
CA GLY A 11 -4.83 6.64 0.05
C GLY A 11 -3.57 6.58 -0.82
N ASP A 12 -2.88 7.71 -0.94
CA ASP A 12 -1.69 7.76 -1.78
C ASP A 12 -0.56 6.89 -1.24
N ALA A 13 0.43 6.64 -2.10
CA ALA A 13 1.55 5.78 -1.71
C ALA A 13 2.76 6.17 -2.56
N PRO A 14 3.94 6.10 -1.97
CA PRO A 14 5.16 6.42 -2.72
C PRO A 14 5.31 5.45 -3.91
N GLY A 15 5.52 5.99 -5.10
CA GLY A 15 5.66 5.17 -6.30
C GLY A 15 4.49 5.26 -7.25
N MET A 16 3.36 5.86 -6.81
CA MET A 16 2.25 6.12 -7.72
C MET A 16 2.69 6.93 -8.95
N ASN A 17 3.56 7.92 -8.72
CA ASN A 17 4.03 8.76 -9.81
C ASN A 17 4.86 7.94 -10.79
N ALA A 18 5.70 7.05 -10.27
CA ALA A 18 6.49 6.17 -11.15
C ALA A 18 5.57 5.27 -12.01
N ALA A 19 4.42 4.90 -11.45
CA ALA A 19 3.43 4.09 -12.19
C ALA A 19 2.78 4.90 -13.30
N VAL A 20 2.38 6.14 -13.01
CA VAL A 20 1.79 7.00 -14.02
C VAL A 20 2.81 7.18 -15.14
N ARG A 21 4.06 7.44 -14.75
CA ARG A 21 5.15 7.62 -15.72
C ARG A 21 5.23 6.39 -16.62
N ALA A 22 5.27 5.21 -16.01
CA ALA A 22 5.48 3.96 -16.73
C ALA A 22 4.33 3.68 -17.70
N VAL A 23 3.10 3.87 -17.23
CA VAL A 23 1.91 3.73 -18.08
C VAL A 23 1.93 4.70 -19.26
N THR A 24 2.15 5.97 -18.96
CA THR A 24 2.22 7.01 -19.98
C THR A 24 3.29 6.69 -21.06
N ARG A 25 4.51 6.39 -20.63
CA ARG A 25 5.61 6.17 -21.59
C ARG A 25 5.47 4.88 -22.40
N VAL A 26 5.02 3.80 -21.76
CA VAL A 26 4.81 2.53 -22.47
C VAL A 26 3.64 2.64 -23.44
N ALA A 27 2.60 3.37 -23.04
CA ALA A 27 1.45 3.63 -23.93
C ALA A 27 1.84 4.46 -25.16
N ILE A 28 2.63 5.52 -24.94
CA ILE A 28 3.09 6.39 -26.04
C ILE A 28 4.05 5.64 -26.97
N ALA A 29 4.85 4.72 -26.42
CA ALA A 29 5.73 3.89 -27.24
C ALA A 29 4.95 2.91 -28.14
N ASN A 30 3.67 2.72 -27.84
CA ASN A 30 2.82 1.81 -28.60
C ASN A 30 1.71 2.54 -29.35
N GLY A 31 1.92 3.82 -29.60
CA GLY A 31 1.05 4.61 -30.44
C GLY A 31 -0.23 5.13 -29.81
N LEU A 32 -0.33 5.03 -28.49
CA LEU A 32 -1.54 5.49 -27.81
C LEU A 32 -1.42 6.92 -27.34
N GLU A 33 -2.55 7.61 -27.26
CA GLU A 33 -2.62 8.90 -26.60
C GLU A 33 -3.03 8.69 -25.14
N VAL A 34 -2.49 9.52 -24.25
CA VAL A 34 -2.67 9.33 -22.82
C VAL A 34 -3.32 10.55 -22.19
N PHE A 35 -4.23 10.31 -21.25
CA PHE A 35 -4.92 11.38 -20.55
C PHE A 35 -4.86 11.18 -19.05
N GLY A 36 -4.55 12.25 -18.33
CA GLY A 36 -4.54 12.19 -16.88
C GLY A 36 -5.96 12.47 -16.42
N ILE A 37 -6.35 11.79 -15.36
CA ILE A 37 -7.63 12.01 -14.68
C ILE A 37 -7.31 12.34 -13.22
N ARG A 38 -7.66 13.56 -12.80
CA ARG A 38 -7.31 14.05 -11.48
C ARG A 38 -8.32 13.61 -10.42
N TYR A 39 -7.90 13.63 -9.15
CA TYR A 39 -8.77 13.35 -8.00
C TYR A 39 -9.55 12.02 -8.11
N GLY A 40 -8.87 10.99 -8.60
CA GLY A 40 -9.45 9.66 -8.74
C GLY A 40 -10.78 9.65 -9.47
N PHE A 41 -11.72 8.87 -8.96
CA PHE A 41 -13.05 8.76 -9.57
C PHE A 41 -13.88 10.02 -9.39
N ALA A 42 -13.50 10.83 -8.40
CA ALA A 42 -14.14 12.12 -8.13
C ALA A 42 -13.95 13.09 -9.29
N GLY A 43 -12.72 13.24 -9.77
CA GLY A 43 -12.44 14.11 -10.90
C GLY A 43 -12.90 13.52 -12.22
N LEU A 44 -12.98 12.19 -12.28
CA LEU A 44 -13.53 11.50 -13.44
C LEU A 44 -14.97 11.98 -13.67
N VAL A 45 -15.76 11.98 -12.61
CA VAL A 45 -17.14 12.47 -12.65
C VAL A 45 -17.20 13.97 -12.92
N ALA A 46 -16.27 14.72 -12.35
CA ALA A 46 -16.20 16.16 -12.56
C ALA A 46 -15.69 16.52 -13.95
N GLY A 47 -15.02 15.59 -14.62
CA GLY A 47 -14.41 15.84 -15.92
C GLY A 47 -13.04 16.50 -15.91
N ASP A 48 -12.32 16.31 -14.80
CA ASP A 48 -10.97 16.86 -14.65
C ASP A 48 -10.01 15.91 -15.37
N ILE A 49 -10.01 16.00 -16.70
CA ILE A 49 -9.28 15.10 -17.59
C ILE A 49 -8.46 15.95 -18.57
N PHE A 50 -7.19 15.60 -18.76
CA PHE A 50 -6.28 16.41 -19.60
C PHE A 50 -5.26 15.54 -20.32
N PRO A 51 -4.71 16.00 -21.45
CA PRO A 51 -3.74 15.20 -22.19
C PRO A 51 -2.42 15.14 -21.44
N LEU A 52 -1.87 13.94 -21.32
CA LEU A 52 -0.55 13.71 -20.72
C LEU A 52 0.46 13.42 -21.82
N GLU A 53 1.33 14.38 -22.10
CA GLU A 53 2.42 14.17 -23.06
C GLU A 53 3.56 13.45 -22.37
N SER A 54 4.46 12.87 -23.15
CA SER A 54 5.61 12.18 -22.60
C SER A 54 6.48 13.10 -21.72
N GLU A 55 6.61 14.36 -22.14
CA GLU A 55 7.40 15.35 -21.40
C GLU A 55 6.75 15.67 -20.06
N ASP A 56 5.44 15.46 -19.97
CA ASP A 56 4.69 15.79 -18.75
C ASP A 56 4.97 14.82 -17.61
N VAL A 57 5.57 13.67 -17.91
CA VAL A 57 5.92 12.70 -16.86
C VAL A 57 7.43 12.66 -16.53
N ALA A 58 8.15 13.67 -16.99
CA ALA A 58 9.53 13.90 -16.59
C ALA A 58 9.59 14.30 -15.12
N HIS A 59 10.71 14.01 -14.46
CA HIS A 59 10.93 14.38 -13.05
C HIS A 59 9.81 13.93 -12.12
N LEU A 60 9.35 12.69 -12.34
CA LEU A 60 8.29 12.12 -11.50
C LEU A 60 8.68 10.83 -10.85
N ILE A 61 9.62 10.11 -11.46
CA ILE A 61 9.93 8.76 -10.99
C ILE A 61 10.34 8.72 -9.52
N ASN A 62 10.98 9.80 -9.04
CA ASN A 62 11.52 9.82 -7.68
C ASN A 62 10.60 10.58 -6.71
N VAL A 63 9.46 11.03 -7.23
CA VAL A 63 8.58 11.92 -6.48
C VAL A 63 7.46 11.11 -5.79
N SER A 64 7.31 11.36 -4.50
CA SER A 64 6.24 10.75 -3.69
C SER A 64 4.85 11.26 -4.07
N GLY A 65 3.82 10.68 -3.43
CA GLY A 65 2.45 11.15 -3.65
C GLY A 65 1.91 10.85 -5.03
N THR A 66 0.80 11.49 -5.37
CA THR A 66 0.31 11.43 -6.73
C THR A 66 0.07 12.84 -7.24
N PHE A 67 0.70 13.17 -8.35
CA PHE A 67 0.63 14.51 -8.87
C PHE A 67 -0.75 14.76 -9.49
N LEU A 68 -1.48 13.67 -9.74
CA LEU A 68 -2.86 13.75 -10.28
C LEU A 68 -3.88 14.01 -9.17
N TYR A 69 -3.42 13.82 -7.92
CA TYR A 69 -4.24 13.88 -6.70
C TYR A 69 -5.13 12.65 -6.56
N SER A 70 -5.53 12.35 -5.33
CA SER A 70 -6.52 11.31 -5.06
C SER A 70 -7.68 11.90 -4.23
N ALA A 71 -8.88 11.35 -4.40
CA ALA A 71 -10.06 11.87 -3.68
C ALA A 71 -11.17 10.85 -3.73
N ARG A 72 -11.89 10.70 -2.60
CA ARG A 72 -12.93 9.67 -2.44
C ARG A 72 -14.23 10.06 -3.12
N TYR A 73 -14.89 9.06 -3.70
CA TYR A 73 -16.15 9.27 -4.42
C TYR A 73 -17.11 8.09 -4.24
N PRO A 74 -18.02 8.20 -3.27
CA PRO A 74 -19.01 7.15 -3.00
C PRO A 74 -19.99 6.91 -4.16
N GLU A 75 -20.40 7.99 -4.81
CA GLU A 75 -21.43 7.93 -5.86
C GLU A 75 -20.98 7.24 -7.15
N PHE A 76 -19.67 7.03 -7.30
CA PHE A 76 -19.15 6.31 -8.47
C PHE A 76 -19.44 4.81 -8.41
N ALA A 77 -19.57 4.28 -7.19
CA ALA A 77 -20.03 2.91 -7.01
C ALA A 77 -21.46 2.76 -7.55
N GLU A 78 -22.28 3.77 -7.33
CA GLU A 78 -23.65 3.84 -7.88
C GLU A 78 -23.67 4.21 -9.35
N GLU A 79 -24.78 3.86 -9.99
CA GLU A 79 -25.00 4.09 -11.42
C GLU A 79 -25.03 5.57 -11.82
N GLU A 80 -25.36 6.44 -10.87
CA GLU A 80 -25.34 7.89 -11.08
C GLU A 80 -23.95 8.35 -11.53
N GLY A 81 -22.95 8.05 -10.70
CA GLY A 81 -21.57 8.44 -10.94
C GLY A 81 -20.95 7.71 -12.12
N GLN A 82 -21.25 6.41 -12.22
CA GLN A 82 -20.76 5.59 -13.33
C GLN A 82 -21.06 6.25 -14.67
N LEU A 83 -22.35 6.52 -14.92
CA LEU A 83 -22.79 7.12 -16.16
C LEU A 83 -22.15 8.48 -16.39
N ALA A 84 -22.02 9.27 -15.33
CA ALA A 84 -21.42 10.61 -15.41
C ALA A 84 -19.93 10.53 -15.79
N GLY A 85 -19.21 9.61 -15.16
CA GLY A 85 -17.82 9.34 -15.49
C GLY A 85 -17.67 8.84 -16.92
N ILE A 86 -18.55 7.92 -17.31
CA ILE A 86 -18.56 7.36 -18.67
C ILE A 86 -18.80 8.42 -19.74
N GLU A 87 -19.75 9.32 -19.49
CA GLU A 87 -20.00 10.45 -20.38
C GLU A 87 -18.76 11.33 -20.53
N GLN A 88 -18.05 11.53 -19.42
CA GLN A 88 -16.79 12.27 -19.42
C GLN A 88 -15.71 11.54 -20.21
N LEU A 89 -15.61 10.23 -20.01
CA LEU A 89 -14.70 9.39 -20.78
C LEU A 89 -14.96 9.53 -22.28
N LYS A 90 -16.22 9.37 -22.68
CA LYS A 90 -16.64 9.54 -24.08
C LYS A 90 -16.33 10.92 -24.61
N LYS A 91 -16.51 11.95 -23.77
CA LYS A 91 -16.24 13.33 -24.16
C LYS A 91 -14.80 13.52 -24.63
N HIS A 92 -13.86 12.83 -23.98
CA HIS A 92 -12.44 12.95 -24.31
C HIS A 92 -11.91 11.81 -25.21
N GLY A 93 -12.80 10.95 -25.68
CA GLY A 93 -12.41 9.88 -26.60
C GLY A 93 -11.61 8.74 -25.98
N ILE A 94 -11.64 8.66 -24.66
CA ILE A 94 -10.88 7.64 -23.92
C ILE A 94 -11.55 6.27 -24.04
N ASP A 95 -10.76 5.26 -24.38
CA ASP A 95 -11.23 3.90 -24.63
C ASP A 95 -11.00 2.96 -23.45
N ALA A 96 -9.99 3.25 -22.63
CA ALA A 96 -9.57 2.35 -21.58
C ALA A 96 -8.95 3.15 -20.44
N VAL A 97 -8.90 2.55 -19.26
CA VAL A 97 -8.44 3.27 -18.07
C VAL A 97 -7.50 2.38 -17.26
N VAL A 98 -6.37 2.94 -16.83
CA VAL A 98 -5.59 2.25 -15.81
C VAL A 98 -5.93 2.89 -14.46
N VAL A 99 -6.34 2.06 -13.50
CA VAL A 99 -6.70 2.52 -12.17
C VAL A 99 -5.60 2.15 -11.17
N ILE A 100 -4.92 3.16 -10.64
CA ILE A 100 -3.88 2.91 -9.64
C ILE A 100 -4.43 3.18 -8.25
N GLY A 101 -4.53 2.13 -7.45
CA GLY A 101 -5.05 2.28 -6.10
C GLY A 101 -5.13 0.98 -5.34
N GLY A 102 -5.95 0.98 -4.30
CA GLY A 102 -6.11 -0.19 -3.44
C GLY A 102 -7.19 -1.09 -4.01
N ASP A 103 -7.42 -2.24 -3.38
CA ASP A 103 -8.42 -3.15 -3.95
C ASP A 103 -9.83 -2.52 -3.96
N GLY A 104 -10.05 -1.54 -3.10
CA GLY A 104 -11.27 -0.73 -3.13
C GLY A 104 -11.53 -0.05 -4.47
N SER A 105 -10.47 0.46 -5.10
CA SER A 105 -10.58 1.15 -6.39
C SER A 105 -10.80 0.18 -7.54
N TYR A 106 -10.47 -1.10 -7.29
CA TYR A 106 -10.65 -2.16 -8.29
C TYR A 106 -12.11 -2.35 -8.69
N HIS A 107 -13.01 -2.04 -7.75
CA HIS A 107 -14.45 -2.03 -8.01
C HIS A 107 -14.76 -1.13 -9.18
N GLY A 108 -14.18 0.07 -9.17
CA GLY A 108 -14.37 1.05 -10.24
C GLY A 108 -13.79 0.61 -11.57
N ALA A 109 -12.65 -0.09 -11.53
CA ALA A 109 -12.05 -0.64 -12.76
C ALA A 109 -12.99 -1.66 -13.39
N LEU A 110 -13.61 -2.48 -12.54
CA LEU A 110 -14.53 -3.52 -13.01
C LEU A 110 -15.80 -2.92 -13.60
N GLN A 111 -16.38 -1.93 -12.91
CA GLN A 111 -17.57 -1.25 -13.41
C GLN A 111 -17.30 -0.61 -14.76
N LEU A 112 -16.18 0.11 -14.86
CA LEU A 112 -15.74 0.68 -16.14
C LEU A 112 -15.66 -0.37 -17.25
N THR A 113 -15.04 -1.50 -16.94
CA THR A 113 -14.87 -2.59 -17.91
C THR A 113 -16.24 -3.12 -18.40
N ARG A 114 -17.17 -3.29 -17.46
CA ARG A 114 -18.53 -3.74 -17.76
C ARG A 114 -19.31 -2.78 -18.65
N HIS A 115 -18.86 -1.53 -18.72
CA HIS A 115 -19.53 -0.51 -19.52
C HIS A 115 -18.82 -0.27 -20.85
N GLY A 116 -17.86 -1.13 -21.19
CA GLY A 116 -17.18 -1.07 -22.47
C GLY A 116 -15.91 -0.25 -22.50
N PHE A 117 -15.41 0.11 -21.31
CA PHE A 117 -14.13 0.81 -21.16
C PHE A 117 -13.18 -0.09 -20.40
N ASN A 118 -12.51 -0.99 -21.12
CA ASN A 118 -11.56 -1.94 -20.53
C ASN A 118 -10.63 -1.25 -19.53
N SER A 119 -10.47 -1.84 -18.36
CA SER A 119 -9.65 -1.20 -17.32
C SER A 119 -8.76 -2.18 -16.59
N ILE A 120 -7.62 -1.69 -16.12
CA ILE A 120 -6.69 -2.52 -15.34
C ILE A 120 -6.51 -1.89 -13.96
N GLY A 121 -6.58 -2.72 -12.92
CA GLY A 121 -6.25 -2.28 -11.57
C GLY A 121 -4.76 -2.46 -11.32
N LEU A 122 -4.13 -1.43 -10.75
CA LEU A 122 -2.71 -1.45 -10.42
C LEU A 122 -2.59 -1.16 -8.93
N PRO A 123 -1.88 -2.01 -8.18
CA PRO A 123 -1.87 -1.90 -6.71
C PRO A 123 -0.99 -0.78 -6.18
N GLY A 124 -1.63 0.32 -5.82
CA GLY A 124 -0.91 1.42 -5.21
C GLY A 124 -1.50 1.66 -3.84
N THR A 125 -0.79 1.16 -2.82
CA THR A 125 -1.18 1.34 -1.42
C THR A 125 -0.01 0.85 -0.56
N ILE A 126 0.20 1.48 0.59
CA ILE A 126 1.29 1.05 1.47
C ILE A 126 0.99 -0.26 2.21
N ASP A 127 -0.28 -0.66 2.27
CA ASP A 127 -0.71 -1.71 3.19
C ASP A 127 -0.40 -3.16 2.85
N ASN A 128 -0.09 -3.42 1.57
CA ASN A 128 0.03 -4.79 1.07
C ASN A 128 -1.16 -5.69 1.49
N ASP A 129 -2.37 -5.21 1.27
CA ASP A 129 -3.56 -5.94 1.76
C ASP A 129 -4.44 -6.41 0.62
N ILE A 130 -3.84 -6.67 -0.54
CA ILE A 130 -4.62 -7.04 -1.73
C ILE A 130 -4.43 -8.53 -2.02
N PRO A 131 -5.52 -9.27 -2.24
CA PRO A 131 -5.44 -10.68 -2.59
C PRO A 131 -4.67 -10.89 -3.89
N TYR A 132 -4.01 -12.04 -4.00
CA TYR A 132 -3.27 -12.47 -5.21
C TYR A 132 -2.06 -11.63 -5.56
N THR A 133 -1.61 -10.77 -4.64
CA THR A 133 -0.33 -10.08 -4.84
C THR A 133 0.48 -10.04 -3.55
N ASP A 134 1.77 -10.33 -3.68
CA ASP A 134 2.70 -10.33 -2.55
C ASP A 134 3.27 -8.94 -2.28
N ALA A 135 2.95 -7.97 -3.14
CA ALA A 135 3.49 -6.60 -3.02
C ALA A 135 2.55 -5.59 -3.64
N THR A 136 2.45 -4.44 -3.00
CA THR A 136 1.73 -3.31 -3.59
C THR A 136 2.71 -2.15 -3.65
N ILE A 137 2.50 -1.23 -4.59
CA ILE A 137 3.40 -0.08 -4.72
C ILE A 137 3.25 0.85 -3.51
N GLY A 138 4.35 1.08 -2.79
CA GLY A 138 4.35 1.95 -1.62
C GLY A 138 4.74 1.20 -0.37
N TYR A 139 4.51 -0.11 -0.39
CA TYR A 139 4.74 -1.00 0.73
C TYR A 139 6.21 -1.03 1.20
N ASP A 140 7.13 -1.26 0.28
CA ASP A 140 8.55 -1.26 0.62
C ASP A 140 8.97 0.09 1.22
N THR A 141 8.46 1.18 0.68
CA THR A 141 8.84 2.53 1.14
C THR A 141 8.31 2.76 2.58
N ALA A 142 7.04 2.40 2.80
CA ALA A 142 6.45 2.51 4.15
C ALA A 142 7.23 1.70 5.19
N CYS A 143 7.60 0.48 4.81
CA CYS A 143 8.44 -0.38 5.62
C CYS A 143 9.77 0.28 5.95
N MET A 144 10.41 0.87 4.95
CA MET A 144 11.64 1.65 5.18
C MET A 144 11.40 2.87 6.07
N THR A 145 10.32 3.57 5.83
CA THR A 145 10.03 4.76 6.64
C THR A 145 9.87 4.36 8.09
N ALA A 146 9.07 3.31 8.33
CA ALA A 146 8.87 2.78 9.68
C ALA A 146 10.14 2.21 10.28
N MET A 147 10.89 1.43 9.52
CA MET A 147 12.16 0.92 10.01
C MET A 147 13.12 2.03 10.46
N ASP A 148 13.27 3.06 9.64
CA ASP A 148 14.22 4.15 9.96
C ASP A 148 13.74 4.85 11.22
N ALA A 149 12.44 5.09 11.31
CA ALA A 149 11.88 5.74 12.52
C ALA A 149 12.13 4.88 13.75
N ILE A 150 11.87 3.58 13.64
CA ILE A 150 12.02 2.68 14.81
C ILE A 150 13.46 2.40 15.19
N ASP A 151 14.37 2.44 14.21
CA ASP A 151 15.81 2.43 14.51
C ASP A 151 16.16 3.57 15.50
N LYS A 152 15.62 4.76 15.24
CA LYS A 152 15.84 5.94 16.07
C LYS A 152 15.22 5.72 17.48
N ILE A 153 14.03 5.15 17.50
CA ILE A 153 13.41 4.76 18.76
C ILE A 153 14.32 3.78 19.52
N ARG A 154 14.90 2.80 18.82
CA ARG A 154 15.81 1.85 19.46
C ARG A 154 17.05 2.53 20.05
N ASP A 155 17.52 3.58 19.40
CA ASP A 155 18.68 4.32 19.90
C ASP A 155 18.33 4.91 21.28
N THR A 156 17.21 5.63 21.35
CA THR A 156 16.86 6.30 22.60
C THR A 156 16.40 5.33 23.68
N ALA A 157 15.68 4.28 23.28
CA ALA A 157 15.30 3.19 24.20
C ALA A 157 16.53 2.57 24.88
N SER A 158 17.59 2.32 24.10
CA SER A 158 18.77 1.66 24.61
C SER A 158 19.57 2.51 25.61
N SER A 159 19.64 3.81 25.37
CA SER A 159 20.33 4.70 26.30
C SER A 159 19.69 4.65 27.69
N HIS A 160 18.39 4.36 27.73
CA HIS A 160 17.58 4.51 28.95
C HIS A 160 16.98 3.20 29.49
N HIS A 161 17.36 2.07 28.90
CA HIS A 161 16.75 0.78 29.23
C HIS A 161 15.22 0.88 29.24
N ARG A 162 14.66 1.41 28.16
CA ARG A 162 13.23 1.67 28.00
C ARG A 162 12.59 0.62 27.10
N VAL A 163 11.31 0.34 27.34
CA VAL A 163 10.49 -0.45 26.42
C VAL A 163 9.63 0.51 25.62
N PHE A 164 9.57 0.32 24.31
CA PHE A 164 8.67 1.08 23.49
C PHE A 164 7.59 0.21 22.85
N ILE A 165 6.36 0.73 22.89
CA ILE A 165 5.24 0.18 22.14
C ILE A 165 5.02 1.10 20.96
N VAL A 166 5.04 0.55 19.75
CA VAL A 166 4.99 1.41 18.57
C VAL A 166 3.94 0.93 17.60
N ASN A 167 3.00 1.82 17.26
CA ASN A 167 2.04 1.57 16.21
C ASN A 167 2.69 1.86 14.84
N VAL A 168 2.55 0.92 13.91
CA VAL A 168 2.77 1.16 12.49
C VAL A 168 1.43 1.07 11.75
N MET A 169 1.41 1.59 10.52
CA MET A 169 0.23 1.55 9.68
C MET A 169 -0.03 0.15 9.09
N GLY A 170 -1.00 0.05 8.20
CA GLY A 170 -1.39 -1.24 7.64
C GLY A 170 -2.89 -1.41 7.40
N ARG A 171 -3.69 -0.53 7.99
CA ARG A 171 -5.15 -0.62 7.97
C ARG A 171 -5.54 -1.88 8.75
N ASN A 172 -6.09 -2.91 8.09
CA ASN A 172 -6.41 -4.17 8.78
C ASN A 172 -5.40 -5.28 8.50
N CYS A 173 -4.27 -4.92 7.88
CA CYS A 173 -3.25 -5.89 7.50
C CYS A 173 -1.96 -5.80 8.33
N GLY A 174 -1.43 -6.95 8.72
CA GLY A 174 -0.29 -7.02 9.63
C GLY A 174 1.08 -7.10 8.94
N ASP A 175 1.07 -6.99 7.62
CA ASP A 175 2.29 -7.18 6.83
C ASP A 175 3.43 -6.19 7.18
N ILE A 176 3.10 -4.90 7.27
CA ILE A 176 4.09 -3.88 7.68
C ILE A 176 4.66 -4.20 9.05
N ALA A 177 3.76 -4.45 10.01
CA ALA A 177 4.19 -4.79 11.37
C ALA A 177 5.16 -5.97 11.42
N MET A 178 4.89 -7.04 10.68
CA MET A 178 5.75 -8.24 10.75
C MET A 178 7.12 -7.96 10.14
N ARG A 179 7.10 -7.36 8.96
CA ARG A 179 8.33 -7.09 8.22
C ARG A 179 9.23 -6.09 8.96
N VAL A 180 8.65 -4.96 9.34
CA VAL A 180 9.34 -3.96 10.16
C VAL A 180 9.75 -4.52 11.53
N GLY A 181 8.86 -5.30 12.16
CA GLY A 181 9.20 -5.94 13.44
C GLY A 181 10.43 -6.82 13.38
N VAL A 182 10.49 -7.68 12.39
CA VAL A 182 11.67 -8.52 12.18
C VAL A 182 12.91 -7.65 11.90
N ALA A 183 12.78 -6.73 10.94
CA ALA A 183 13.87 -5.80 10.58
C ALA A 183 14.40 -4.98 11.78
N CYS A 184 13.52 -4.63 12.71
CA CYS A 184 13.94 -3.88 13.91
C CYS A 184 14.08 -4.71 15.18
N GLY A 185 14.16 -6.04 15.04
CA GLY A 185 14.37 -6.93 16.18
C GLY A 185 13.41 -6.70 17.32
N ALA A 186 12.13 -6.52 17.00
CA ALA A 186 11.12 -6.34 18.05
C ALA A 186 11.08 -7.56 18.96
N ASP A 187 10.83 -7.31 20.25
CA ASP A 187 10.64 -8.39 21.22
C ASP A 187 9.35 -9.13 20.88
N ALA A 188 8.34 -8.40 20.45
CA ALA A 188 7.10 -9.01 20.02
C ALA A 188 6.44 -8.20 18.91
N ILE A 189 5.66 -8.89 18.07
CA ILE A 189 4.89 -8.27 17.02
C ILE A 189 3.42 -8.66 17.19
N VAL A 190 2.54 -7.68 17.05
CA VAL A 190 1.11 -7.87 17.32
C VAL A 190 0.31 -7.47 16.08
N ILE A 191 -0.38 -8.45 15.49
CA ILE A 191 -1.09 -8.27 14.21
C ILE A 191 -2.54 -8.80 14.27
N PRO A 192 -3.42 -8.32 13.38
CA PRO A 192 -4.83 -8.77 13.35
C PRO A 192 -5.05 -10.21 12.89
N GLU A 193 -4.12 -10.77 12.12
CA GLU A 193 -4.35 -12.08 11.47
C GLU A 193 -4.01 -13.29 12.33
N ARG A 194 -3.33 -13.07 13.44
CA ARG A 194 -2.80 -14.15 14.24
C ARG A 194 -2.95 -13.78 15.73
N PRO A 195 -3.26 -14.75 16.59
CA PRO A 195 -3.45 -14.46 18.02
C PRO A 195 -2.19 -13.93 18.70
N TYR A 196 -2.38 -13.11 19.72
CA TYR A 196 -1.26 -12.62 20.53
C TYR A 196 -1.60 -12.80 22.00
N ASP A 197 -0.59 -12.78 22.86
CA ASP A 197 -0.79 -12.99 24.28
C ASP A 197 0.02 -12.01 25.11
N VAL A 198 -0.66 -10.94 25.56
CA VAL A 198 -0.04 -9.87 26.33
C VAL A 198 0.80 -10.38 27.50
N GLU A 199 0.28 -11.38 28.22
CA GLU A 199 1.02 -11.94 29.35
C GLU A 199 2.33 -12.58 28.92
N GLU A 200 2.29 -13.27 27.79
CA GLU A 200 3.45 -13.94 27.21
C GLU A 200 4.49 -12.91 26.75
N ILE A 201 4.01 -11.81 26.16
CA ILE A 201 4.86 -10.71 25.73
C ILE A 201 5.55 -10.10 26.96
N ALA A 202 4.78 -9.85 28.01
CA ALA A 202 5.31 -9.38 29.27
C ALA A 202 6.40 -10.29 29.81
N ASN A 203 6.19 -11.60 29.72
CA ASN A 203 7.20 -12.59 30.12
C ASN A 203 8.48 -12.52 29.30
N ARG A 204 8.33 -12.34 27.98
CA ARG A 204 9.46 -12.11 27.08
C ARG A 204 10.30 -10.94 27.55
N LEU A 205 9.63 -9.82 27.79
CA LEU A 205 10.29 -8.58 28.20
C LEU A 205 10.98 -8.72 29.56
N LYS A 206 10.29 -9.35 30.52
CA LYS A 206 10.89 -9.69 31.81
C LYS A 206 12.16 -10.52 31.68
N GLN A 207 12.10 -11.60 30.90
CA GLN A 207 13.28 -12.46 30.68
C GLN A 207 14.44 -11.68 30.04
N ALA A 208 14.14 -10.91 28.99
CA ALA A 208 15.13 -10.05 28.33
C ALA A 208 15.78 -9.09 29.33
N GLN A 209 14.96 -8.43 30.14
CA GLN A 209 15.45 -7.54 31.18
C GLN A 209 16.45 -8.27 32.09
N GLU A 210 16.08 -9.48 32.52
CA GLU A 210 16.94 -10.30 33.38
C GLU A 210 18.24 -10.66 32.70
N SER A 211 18.20 -10.84 31.38
CA SER A 211 19.37 -11.23 30.59
C SER A 211 20.27 -10.04 30.25
N GLY A 212 19.88 -8.83 30.64
CA GLY A 212 20.72 -7.65 30.47
C GLY A 212 20.45 -6.80 29.24
N LYS A 213 19.37 -7.09 28.53
CA LYS A 213 19.00 -6.37 27.32
C LYS A 213 18.69 -4.92 27.70
N ASP A 214 19.14 -3.97 26.89
CA ASP A 214 19.02 -2.56 27.27
C ASP A 214 17.90 -1.81 26.55
N HIS A 215 16.98 -2.55 25.94
CA HIS A 215 15.85 -1.94 25.23
C HIS A 215 14.78 -2.97 25.02
N GLY A 216 13.55 -2.50 24.86
CA GLY A 216 12.43 -3.34 24.48
C GLY A 216 11.60 -2.70 23.39
N LEU A 217 10.98 -3.53 22.56
CA LEU A 217 10.18 -3.03 21.48
C LEU A 217 9.04 -3.99 21.14
N VAL A 218 7.82 -3.47 21.17
CA VAL A 218 6.66 -4.19 20.66
C VAL A 218 6.07 -3.39 19.52
N VAL A 219 6.00 -4.04 18.35
CA VAL A 219 5.42 -3.44 17.18
C VAL A 219 3.98 -3.90 17.04
N VAL A 220 3.07 -2.93 17.12
CA VAL A 220 1.64 -3.18 17.10
C VAL A 220 1.01 -2.62 15.84
N ALA A 221 0.52 -3.49 14.96
CA ALA A 221 -0.27 -3.06 13.82
C ALA A 221 -1.41 -2.17 14.30
N GLU A 222 -1.63 -1.04 13.62
CA GLU A 222 -2.73 -0.11 13.99
C GLU A 222 -4.09 -0.83 13.98
N GLY A 223 -4.19 -1.90 13.20
CA GLY A 223 -5.43 -2.66 13.06
C GLY A 223 -5.82 -3.46 14.29
N VAL A 224 -4.90 -3.65 15.23
CA VAL A 224 -5.20 -4.37 16.47
C VAL A 224 -5.74 -3.38 17.51
N MET A 225 -4.89 -2.45 17.94
CA MET A 225 -5.26 -1.40 18.89
C MET A 225 -4.18 -0.31 18.86
N THR A 226 -4.43 0.81 19.53
CA THR A 226 -3.42 1.88 19.60
C THR A 226 -2.28 1.46 20.52
N ALA A 227 -1.11 2.08 20.34
CA ALA A 227 0.04 1.84 21.22
C ALA A 227 -0.30 2.14 22.69
N ASP A 228 -1.03 3.22 22.92
CA ASP A 228 -1.52 3.58 24.26
C ASP A 228 -2.34 2.44 24.88
N GLN A 229 -3.30 1.94 24.12
CA GLN A 229 -4.13 0.79 24.55
C GLN A 229 -3.32 -0.48 24.85
N PHE A 230 -2.31 -0.76 24.03
CA PHE A 230 -1.49 -1.94 24.30
C PHE A 230 -0.64 -1.74 25.55
N MET A 231 -0.07 -0.56 25.70
CA MET A 231 0.80 -0.24 26.83
C MET A 231 0.03 -0.42 28.15
N ALA A 232 -1.20 0.06 28.18
CA ALA A 232 -2.11 -0.06 29.33
C ALA A 232 -2.33 -1.52 29.72
N GLU A 233 -2.58 -2.37 28.72
CA GLU A 233 -2.75 -3.80 28.96
C GLU A 233 -1.47 -4.44 29.47
N LEU A 234 -0.34 -4.04 28.88
CA LEU A 234 0.97 -4.59 29.27
C LEU A 234 1.27 -4.32 30.73
N LYS A 235 1.01 -3.09 31.16
CA LYS A 235 1.28 -2.62 32.52
C LYS A 235 0.54 -3.41 33.60
N LYS A 236 -0.53 -4.11 33.20
CA LYS A 236 -1.26 -5.00 34.10
C LYS A 236 -0.38 -6.18 34.53
N TYR A 237 0.52 -6.62 33.64
CA TYR A 237 1.26 -7.86 33.87
C TYR A 237 2.66 -7.68 34.44
N GLY A 238 3.07 -6.44 34.64
CA GLY A 238 4.40 -6.16 35.14
C GLY A 238 4.64 -4.69 35.25
N ASP A 239 5.70 -4.30 35.96
CA ASP A 239 6.06 -2.90 36.05
C ASP A 239 7.22 -2.66 35.08
N PHE A 240 6.89 -2.00 33.99
CA PHE A 240 7.85 -1.76 32.92
C PHE A 240 8.13 -0.28 32.80
N ASP A 241 9.32 0.04 32.32
CA ASP A 241 9.66 1.41 31.96
C ASP A 241 9.33 1.56 30.48
N VAL A 242 8.16 2.12 30.20
CA VAL A 242 7.56 1.99 28.87
C VAL A 242 7.00 3.31 28.34
N ARG A 243 7.10 3.48 27.02
CA ARG A 243 6.48 4.61 26.32
C ARG A 243 5.74 4.08 25.11
N ALA A 244 4.85 4.89 24.56
CA ALA A 244 4.05 4.51 23.41
C ALA A 244 4.13 5.59 22.34
N ASN A 245 4.43 5.19 21.11
CA ASN A 245 4.46 6.12 19.99
C ASN A 245 3.58 5.60 18.88
N VAL A 246 3.02 6.52 18.11
CA VAL A 246 2.26 6.21 16.90
C VAL A 246 3.00 6.89 15.75
N LEU A 247 3.58 6.11 14.84
CA LEU A 247 4.37 6.71 13.73
C LEU A 247 3.56 7.67 12.85
N GLY A 248 2.36 7.29 12.45
CA GLY A 248 1.55 8.26 11.72
C GLY A 248 1.82 8.36 10.23
N HIS A 249 1.37 9.47 9.63
CA HIS A 249 1.20 9.57 8.19
C HIS A 249 2.51 9.73 7.42
N MET A 250 3.62 9.86 8.14
CA MET A 250 4.95 9.84 7.49
C MET A 250 5.14 8.54 6.68
N GLN A 251 4.52 7.46 7.17
CA GLN A 251 4.56 6.16 6.48
C GLN A 251 3.94 6.19 5.09
N ARG A 252 3.16 7.23 4.80
CA ARG A 252 2.55 7.33 3.48
C ARG A 252 3.40 8.13 2.49
N GLY A 253 4.47 8.74 2.96
CA GLY A 253 5.21 9.66 2.10
C GLY A 253 6.67 9.30 1.98
N GLY A 254 7.44 10.19 1.35
CA GLY A 254 8.86 9.99 1.18
C GLY A 254 9.19 9.51 -0.23
N THR A 255 10.41 9.76 -0.69
CA THR A 255 10.79 9.28 -2.02
C THR A 255 10.75 7.73 -2.07
N PRO A 256 10.13 7.18 -3.13
CA PRO A 256 10.00 5.72 -3.24
C PRO A 256 11.36 5.03 -3.35
N THR A 257 11.46 3.85 -2.75
CA THR A 257 12.66 3.01 -2.77
C THR A 257 12.92 2.48 -4.17
N VAL A 258 14.11 1.94 -4.36
CA VAL A 258 14.47 1.26 -5.61
C VAL A 258 13.41 0.19 -5.96
N SER A 259 13.02 -0.64 -4.99
CA SER A 259 11.99 -1.68 -5.24
C SER A 259 10.65 -1.13 -5.66
N ASP A 260 10.18 -0.08 -4.99
CA ASP A 260 8.91 0.55 -5.38
C ASP A 260 8.93 1.20 -6.75
N ARG A 261 10.02 1.89 -7.07
CA ARG A 261 10.15 2.47 -8.41
C ARG A 261 10.18 1.40 -9.51
N VAL A 262 10.91 0.31 -9.29
CA VAL A 262 10.97 -0.76 -10.30
C VAL A 262 9.63 -1.51 -10.39
N LEU A 263 9.07 -1.85 -9.23
CA LEU A 263 7.74 -2.48 -9.18
C LEU A 263 6.68 -1.66 -9.93
N ALA A 264 6.58 -0.37 -9.63
CA ALA A 264 5.65 0.53 -10.33
C ALA A 264 5.85 0.54 -11.85
N SER A 265 7.12 0.53 -12.27
CA SER A 265 7.49 0.50 -13.68
C SER A 265 7.10 -0.81 -14.36
N LYS A 266 7.36 -1.94 -13.70
CA LYS A 266 6.96 -3.24 -14.26
C LYS A 266 5.45 -3.35 -14.41
N LEU A 267 4.73 -2.95 -13.37
CA LEU A 267 3.28 -3.13 -13.31
C LEU A 267 2.58 -2.16 -14.25
N GLY A 268 3.07 -0.94 -14.33
CA GLY A 268 2.54 0.03 -15.27
C GLY A 268 2.67 -0.45 -16.71
N SER A 269 3.83 -1.03 -17.03
CA SER A 269 4.08 -1.57 -18.35
C SER A 269 3.15 -2.75 -18.65
N GLU A 270 3.03 -3.65 -17.68
CA GLU A 270 2.16 -4.80 -17.81
C GLU A 270 0.72 -4.37 -18.06
N ALA A 271 0.22 -3.38 -17.31
CA ALA A 271 -1.14 -2.85 -17.51
C ALA A 271 -1.38 -2.41 -18.95
N VAL A 272 -0.42 -1.66 -19.51
CA VAL A 272 -0.55 -1.17 -20.88
C VAL A 272 -0.60 -2.34 -21.87
N HIS A 273 0.27 -3.32 -21.64
CA HIS A 273 0.36 -4.48 -22.52
C HIS A 273 -0.93 -5.30 -22.51
N LEU A 274 -1.48 -5.52 -21.32
CA LEU A 274 -2.77 -6.20 -21.17
C LEU A 274 -3.85 -5.49 -21.95
N LEU A 275 -3.88 -4.17 -21.88
CA LEU A 275 -4.85 -3.35 -22.62
C LEU A 275 -4.69 -3.44 -24.14
N LEU A 276 -3.43 -3.46 -24.58
CA LEU A 276 -3.08 -3.59 -25.99
C LEU A 276 -3.58 -4.91 -26.59
N GLU A 277 -3.53 -5.98 -25.80
CA GLU A 277 -4.03 -7.26 -26.27
C GLU A 277 -5.54 -7.44 -26.05
N GLY A 278 -6.21 -6.33 -25.79
CA GLY A 278 -7.67 -6.29 -25.67
C GLY A 278 -8.26 -6.86 -24.40
N LYS A 279 -7.45 -6.94 -23.33
CA LYS A 279 -7.94 -7.41 -22.03
C LYS A 279 -8.55 -6.28 -21.20
N GLY A 280 -9.36 -6.65 -20.21
CA GLY A 280 -9.93 -5.69 -19.27
C GLY A 280 -10.42 -6.43 -18.03
N GLY A 281 -10.72 -5.67 -16.98
CA GLY A 281 -11.22 -6.24 -15.71
C GLY A 281 -10.19 -7.05 -14.93
N LEU A 282 -8.92 -6.69 -15.12
CA LEU A 282 -7.81 -7.43 -14.52
C LEU A 282 -7.09 -6.58 -13.49
N ALA A 283 -6.55 -7.24 -12.47
CA ALA A 283 -5.63 -6.59 -11.52
C ALA A 283 -4.26 -7.21 -11.69
N VAL A 284 -3.22 -6.38 -11.79
CA VAL A 284 -1.86 -6.91 -11.88
C VAL A 284 -1.15 -6.91 -10.51
N GLY A 285 -0.24 -7.84 -10.32
CA GLY A 285 0.54 -7.91 -9.08
C GLY A 285 1.71 -8.88 -9.14
N ILE A 286 2.17 -9.30 -7.97
CA ILE A 286 3.33 -10.16 -7.87
C ILE A 286 2.97 -11.47 -7.20
N GLU A 287 3.24 -12.57 -7.89
CA GLU A 287 3.11 -13.91 -7.31
C GLU A 287 4.33 -14.72 -7.68
N ASN A 288 4.82 -15.48 -6.72
CA ASN A 288 6.01 -16.31 -6.90
C ASN A 288 7.14 -15.49 -7.52
N GLY A 289 7.30 -14.25 -7.04
CA GLY A 289 8.33 -13.36 -7.52
C GLY A 289 8.22 -12.88 -8.97
N LYS A 290 7.08 -13.09 -9.60
CA LYS A 290 6.88 -12.66 -11.00
C LYS A 290 5.60 -11.85 -11.17
N VAL A 291 5.52 -11.09 -12.26
CA VAL A 291 4.34 -10.30 -12.55
C VAL A 291 3.20 -11.20 -13.05
N THR A 292 2.04 -11.13 -12.40
CA THR A 292 0.83 -11.87 -12.85
C THR A 292 -0.38 -10.97 -12.89
N SER A 293 -1.46 -11.47 -13.48
CA SER A 293 -2.74 -10.76 -13.48
C SER A 293 -3.88 -11.72 -13.19
N HIS A 294 -4.95 -11.18 -12.62
CA HIS A 294 -6.15 -11.95 -12.30
C HIS A 294 -7.41 -11.14 -12.57
N ASP A 295 -8.50 -11.85 -12.86
CA ASP A 295 -9.80 -11.21 -12.92
C ASP A 295 -10.07 -10.56 -11.59
N ILE A 296 -10.51 -9.30 -11.63
CA ILE A 296 -10.83 -8.55 -10.43
C ILE A 296 -11.91 -9.27 -9.61
N LEU A 297 -12.93 -9.80 -10.28
CA LEU A 297 -13.94 -10.67 -9.67
C LEU A 297 -13.37 -11.74 -8.71
N ASP A 298 -12.30 -12.41 -9.13
CA ASP A 298 -11.63 -13.43 -8.30
C ASP A 298 -11.02 -12.91 -7.00
N LEU A 299 -10.56 -11.67 -7.01
CA LEU A 299 -9.99 -11.04 -5.82
C LEU A 299 -11.06 -10.77 -4.77
N PHE A 300 -12.26 -10.47 -5.24
CA PHE A 300 -13.37 -10.11 -4.35
C PHE A 300 -13.85 -11.31 -3.52
N ASP A 301 -13.45 -12.51 -3.93
CA ASP A 301 -13.76 -13.76 -3.21
C ASP A 301 -12.61 -14.22 -2.31
N GLU A 302 -11.46 -13.57 -2.42
CA GLU A 302 -10.27 -14.01 -1.68
C GLU A 302 -9.77 -13.00 -0.65
N SER A 303 -8.81 -13.44 0.17
CA SER A 303 -8.16 -12.58 1.15
C SER A 303 -6.64 -12.61 0.98
N HIS A 304 -6.00 -11.47 1.23
CA HIS A 304 -4.54 -11.39 1.28
C HIS A 304 -3.97 -12.32 2.33
N ARG A 305 -2.98 -13.11 1.95
CA ARG A 305 -2.24 -13.94 2.88
C ARG A 305 -0.85 -13.33 3.05
N GLY A 306 -0.51 -12.98 4.29
CA GLY A 306 0.80 -12.42 4.61
C GLY A 306 1.76 -13.51 5.02
N ASP A 307 3.00 -13.13 5.22
CA ASP A 307 4.03 -14.09 5.58
C ASP A 307 4.09 -14.31 7.10
N TYR A 308 3.14 -15.09 7.61
CA TYR A 308 2.97 -15.26 9.07
C TYR A 308 4.06 -16.09 9.73
N ASP A 309 4.83 -16.81 8.92
CA ASP A 309 6.01 -17.52 9.42
C ASP A 309 6.99 -16.56 10.09
N LEU A 310 6.92 -15.26 9.74
CA LEU A 310 7.82 -14.27 10.34
C LEU A 310 7.66 -14.19 11.85
N LEU A 311 6.45 -14.44 12.33
CA LEU A 311 6.20 -14.49 13.77
C LEU A 311 6.95 -15.62 14.45
N LYS A 312 6.95 -16.80 13.84
CA LYS A 312 7.72 -17.96 14.36
C LYS A 312 9.21 -17.67 14.29
N LEU A 313 9.66 -17.11 13.18
CA LEU A 313 11.07 -16.72 13.05
C LEU A 313 11.47 -15.73 14.16
N ASN A 314 10.71 -14.65 14.30
CA ASN A 314 11.03 -13.63 15.30
C ASN A 314 10.98 -14.13 16.74
N ALA A 315 10.15 -15.14 16.99
CA ALA A 315 10.16 -15.86 18.27
C ALA A 315 11.54 -16.37 18.68
N ASP A 316 12.33 -16.84 17.72
CA ASP A 316 13.72 -17.29 17.96
C ASP A 316 14.70 -16.10 18.06
N LEU A 317 14.51 -15.13 17.18
CA LEU A 317 15.41 -13.98 17.08
C LEU A 317 15.32 -13.00 18.26
N SER A 318 14.16 -12.94 18.92
CA SER A 318 13.96 -12.02 20.04
C SER A 318 14.45 -12.58 21.37
N ARG A 319 15.62 -12.11 21.78
CA ARG A 319 16.20 -12.42 23.07
C ARG A 319 16.86 -11.14 23.61
S SO4 B . 12.87 11.47 -16.35
O1 SO4 B . 14.26 11.05 -16.35
O2 SO4 B . 12.68 12.75 -17.05
O3 SO4 B . 12.46 11.60 -14.94
O4 SO4 B . 12.07 10.47 -17.04
S SO4 C . -6.33 8.57 6.43
O1 SO4 C . -5.16 8.77 5.57
O2 SO4 C . -7.48 9.13 5.75
O3 SO4 C . -6.07 9.26 7.70
O4 SO4 C . -6.49 7.17 6.74
#